data_4JV2
#
_entry.id   4JV2
#
_cell.length_a   94.580
_cell.length_b   103.305
_cell.length_c   52.780
_cell.angle_alpha   90.000
_cell.angle_beta   90.000
_cell.angle_gamma   90.000
#
_symmetry.space_group_name_H-M   'P 21 21 2'
#
loop_
_entity.id
_entity.type
_entity.pdbx_description
1 polymer 'DNA polymerase IV'
2 polymer "DNA (5'-D(P*TP*(HN1)P*GP*AP*AP*TP*CP*CP*TP*TP*CP*CP*CP*CP*C)-3')"
3 polymer "DNA (5'-D(*GP*GP*GP*GP*GP*AP*AP*GP*GP*AP*TP*TP*C)-3')"
4 non-polymer "2'-DEOXYADENOSINE 5'-TRIPHOSPHATE"
5 non-polymer 'CALCIUM ION'
6 water water
#
loop_
_entity_poly.entity_id
_entity_poly.type
_entity_poly.pdbx_seq_one_letter_code
_entity_poly.pdbx_strand_id
1 'polypeptide(L)'
;HHHHHHMIVLFVDFDYFYAQVEEVLNPSLKGKPVVVCVFSGRFEDSGAVATANYEARKFGVKAGIPIVEAKKILPNAVYL
PMRKEVYQQVSSRIMNLLREYSEKIEIASIDEAYLDISDKVRDYREAYNLGLEIKNKILEKEKITVTVGISKNKVFAKIA
ADMAKPNGIKVIDDEEVKRLIRELDIADVPGIGNITAEKLKKLGINKLVDTLSIEFDKLKGMIGEAKAKYLISLARDEYN
EPIRTRVRKSIGRIVTMKRNSRNLEEIKPYLFRAIEESYYKLDKRIPKAIHVVAVTEDLDIVSRGRTFPHGISKETAYSE
SVKLLQKILEEDERKIRRIGVRFSKFI
;
A
2 'polydeoxyribonucleotide' (DT)(HN1)(DG)(DA)(DA)(DT)(DC)(DC)(DT)(DT)(DC)(DC)(DC)(DC)(DC) B
3 'polydeoxyribonucleotide' (DG)(DG)(DG)(DG)(DG)(DA)(DA)(DG)(DG)(DA)(DT)(DT)(DC) C
#
loop_
_chem_comp.id
_chem_comp.type
_chem_comp.name
_chem_comp.formula
CA non-polymer 'CALCIUM ION' 'Ca 2'
DA DNA linking 2'-DEOXYADENOSINE-5'-MONOPHOSPHATE 'C10 H14 N5 O6 P'
DC DNA linking 2'-DEOXYCYTIDINE-5'-MONOPHOSPHATE 'C9 H14 N3 O7 P'
DG DNA linking 2'-DEOXYGUANOSINE-5'-MONOPHOSPHATE 'C10 H14 N5 O7 P'
DT DNA linking THYMIDINE-5'-MONOPHOSPHATE 'C10 H15 N2 O8 P'
DTP non-polymer '2'-DEOXYADENOSINE 5'-TRIPHOSPHATE' 'C10 H16 N5 O12 P3'
HN1 DNA linking (6S,8R)-3-(2-deoxy-5-O-phosphono-beta-D-erythro-pentofuranosyl)-8-hydroxy-6-[(1S)-1-hydroxyhexyl]-4,6,7,8-tetrahydropyrimido[1,2-a]purin-10(3H)-one 'C19 H30 N5 O9 P'
#
# COMPACT_ATOMS: atom_id res chain seq x y z
N MET A 7 11.70 10.89 -21.35
CA MET A 7 11.79 10.16 -20.08
C MET A 7 11.24 8.72 -20.16
N ILE A 8 11.95 7.80 -19.50
CA ILE A 8 11.55 6.39 -19.49
C ILE A 8 11.52 5.86 -18.06
N VAL A 9 10.36 5.38 -17.63
CA VAL A 9 10.23 4.89 -16.28
C VAL A 9 9.99 3.40 -16.31
N LEU A 10 10.69 2.69 -15.42
CA LEU A 10 10.50 1.25 -15.28
C LEU A 10 9.99 0.96 -13.88
N PHE A 11 8.85 0.27 -13.80
CA PHE A 11 8.19 0.00 -12.53
C PHE A 11 8.15 -1.51 -12.27
N VAL A 12 8.42 -1.89 -11.02
CA VAL A 12 8.47 -3.29 -10.63
C VAL A 12 7.51 -3.57 -9.48
N ASP A 13 6.67 -4.60 -9.65
CA ASP A 13 5.71 -5.02 -8.65
C ASP A 13 6.02 -6.49 -8.37
N PHE A 14 6.20 -6.87 -7.11
CA PHE A 14 6.59 -8.25 -6.81
C PHE A 14 5.35 -9.14 -6.64
N ASP A 15 5.15 -10.09 -7.55
CA ASP A 15 3.96 -10.95 -7.56
C ASP A 15 3.52 -11.59 -6.22
N TYR A 16 2.22 -11.48 -5.92
CA TYR A 16 1.59 -12.01 -4.68
C TYR A 16 2.54 -12.07 -3.49
N PHE A 17 3.18 -10.93 -3.23
CA PHE A 17 4.43 -10.87 -2.50
C PHE A 17 4.55 -11.67 -1.20
N TYR A 18 3.63 -11.48 -0.25
CA TYR A 18 3.75 -12.15 1.05
C TYR A 18 3.65 -13.68 0.89
N ALA A 19 2.67 -14.14 0.11
CA ALA A 19 2.50 -15.56 -0.16
C ALA A 19 3.71 -16.16 -0.89
N GLN A 20 4.33 -15.38 -1.77
CA GLN A 20 5.45 -15.91 -2.53
C GLN A 20 6.68 -16.04 -1.66
N VAL A 21 6.86 -15.12 -0.73
CA VAL A 21 7.97 -15.24 0.17
C VAL A 21 7.75 -16.50 0.99
N GLU A 22 6.52 -16.69 1.48
CA GLU A 22 6.19 -17.90 2.22
C GLU A 22 6.43 -19.18 1.39
N GLU A 23 6.23 -19.04 0.08
CA GLU A 23 6.42 -20.13 -0.87
C GLU A 23 7.89 -20.42 -1.00
N VAL A 24 8.67 -19.36 -1.26
CA VAL A 24 10.13 -19.41 -1.34
C VAL A 24 10.79 -20.05 -0.09
N LEU A 25 10.36 -19.62 1.10
CA LEU A 25 10.92 -20.11 2.36
C LEU A 25 10.51 -21.54 2.70
N ASN A 26 9.48 -22.05 2.00
CA ASN A 26 8.97 -23.39 2.23
C ASN A 26 8.45 -23.96 0.91
N PRO A 27 9.38 -24.34 0.01
CA PRO A 27 9.03 -24.57 -1.39
C PRO A 27 7.95 -25.62 -1.63
N SER A 28 7.65 -26.44 -0.62
CA SER A 28 6.61 -27.46 -0.76
C SER A 28 5.25 -26.82 -1.02
N LEU A 29 5.12 -25.53 -0.69
CA LEU A 29 3.88 -24.80 -0.87
C LEU A 29 3.50 -24.64 -2.35
N LYS A 30 4.51 -24.49 -3.20
CA LYS A 30 4.30 -24.22 -4.63
C LYS A 30 3.29 -25.17 -5.27
N GLY A 31 2.34 -24.61 -6.03
CA GLY A 31 1.27 -25.40 -6.62
C GLY A 31 0.00 -25.40 -5.78
N LYS A 32 0.14 -25.32 -4.46
CA LYS A 32 -0.99 -25.23 -3.54
C LYS A 32 -1.52 -23.79 -3.40
N PRO A 33 -2.81 -23.64 -3.05
CA PRO A 33 -3.27 -22.30 -2.69
C PRO A 33 -2.75 -21.92 -1.29
N VAL A 34 -2.17 -20.74 -1.20
CA VAL A 34 -1.56 -20.28 0.04
C VAL A 34 -2.21 -18.96 0.42
N VAL A 35 -2.62 -18.86 1.69
CA VAL A 35 -3.32 -17.67 2.18
C VAL A 35 -2.61 -17.06 3.39
N VAL A 36 -2.01 -15.89 3.18
CA VAL A 36 -1.32 -15.17 4.25
C VAL A 36 -2.31 -14.32 5.05
N CYS A 37 -2.44 -14.62 6.33
CA CYS A 37 -3.54 -14.10 7.13
C CYS A 37 -3.10 -13.19 8.25
N VAL A 38 -3.98 -12.26 8.61
CA VAL A 38 -3.78 -11.42 9.78
C VAL A 38 -4.83 -11.79 10.81
N PHE A 39 -4.52 -12.78 11.64
CA PHE A 39 -5.41 -13.22 12.70
C PHE A 39 -5.53 -12.14 13.78
N SER A 40 -6.76 -11.82 14.18
CA SER A 40 -6.98 -10.74 15.16
C SER A 40 -7.28 -11.22 16.60
N GLY A 41 -7.54 -12.50 16.78
CA GLY A 41 -7.63 -13.07 18.12
C GLY A 41 -8.90 -12.82 18.93
N ARG A 42 -10.01 -12.51 18.24
CA ARG A 42 -11.29 -12.34 18.92
C ARG A 42 -12.07 -13.66 19.06
N PHE A 43 -12.11 -14.40 17.96
CA PHE A 43 -12.62 -15.76 17.93
C PHE A 43 -11.69 -16.56 17.04
N GLU A 44 -11.91 -17.87 16.93
CA GLU A 44 -11.12 -18.68 16.01
C GLU A 44 -11.31 -18.19 14.57
N ASP A 45 -10.20 -17.87 13.91
CA ASP A 45 -10.19 -17.44 12.50
C ASP A 45 -10.77 -16.03 12.27
N SER A 46 -10.89 -15.25 13.33
CA SER A 46 -11.26 -13.84 13.15
C SER A 46 -10.07 -13.18 12.49
N GLY A 47 -10.33 -12.27 11.57
CA GLY A 47 -9.25 -11.61 10.89
C GLY A 47 -9.51 -11.49 9.41
N ALA A 48 -8.52 -10.97 8.69
CA ALA A 48 -8.62 -10.78 7.26
C ALA A 48 -7.46 -11.46 6.53
N VAL A 49 -7.59 -11.55 5.20
CA VAL A 49 -6.53 -12.04 4.36
C VAL A 49 -5.62 -10.89 3.91
N ALA A 50 -4.32 -10.99 4.21
CA ALA A 50 -3.37 -9.98 3.78
C ALA A 50 -3.11 -10.16 2.29
N THR A 51 -2.88 -11.40 1.87
CA THR A 51 -2.90 -11.73 0.45
C THR A 51 -2.90 -13.23 0.23
N ALA A 52 -3.08 -13.62 -1.02
CA ALA A 52 -3.16 -15.02 -1.39
C ALA A 52 -2.45 -15.21 -2.72
N ASN A 53 -1.88 -16.39 -2.96
CA ASN A 53 -1.30 -16.65 -4.29
C ASN A 53 -2.37 -16.88 -5.37
N TYR A 54 -1.93 -17.08 -6.60
CA TYR A 54 -2.89 -17.13 -7.71
C TYR A 54 -3.80 -18.34 -7.66
N GLU A 55 -3.28 -19.46 -7.18
CA GLU A 55 -4.09 -20.66 -7.07
C GLU A 55 -5.24 -20.50 -6.07
N ALA A 56 -5.14 -19.51 -5.18
CA ALA A 56 -6.23 -19.19 -4.27
C ALA A 56 -7.07 -18.05 -4.82
N ARG A 57 -6.43 -17.11 -5.51
CA ARG A 57 -7.15 -15.94 -6.03
C ARG A 57 -8.14 -16.28 -7.12
N LYS A 58 -7.85 -17.34 -7.87
CA LYS A 58 -8.73 -17.70 -8.95
C LYS A 58 -10.08 -18.24 -8.44
N PHE A 59 -10.17 -18.51 -7.14
CA PHE A 59 -11.45 -18.83 -6.51
C PHE A 59 -12.02 -17.68 -5.64
N GLY A 60 -11.49 -16.47 -5.80
CA GLY A 60 -12.03 -15.34 -5.08
C GLY A 60 -11.37 -15.01 -3.75
N VAL A 61 -10.48 -15.90 -3.31
CA VAL A 61 -9.74 -15.68 -2.07
C VAL A 61 -8.68 -14.59 -2.26
N LYS A 62 -8.87 -13.44 -1.63
CA LYS A 62 -8.02 -12.28 -1.88
C LYS A 62 -7.95 -11.29 -0.72
N ALA A 63 -6.97 -10.41 -0.78
CA ALA A 63 -6.74 -9.39 0.23
C ALA A 63 -8.04 -8.69 0.56
N GLY A 64 -8.37 -8.61 1.85
CA GLY A 64 -9.59 -7.96 2.28
C GLY A 64 -10.65 -8.87 2.87
N ILE A 65 -10.89 -10.02 2.25
CA ILE A 65 -11.97 -10.88 2.74
C ILE A 65 -11.60 -11.49 4.08
N PRO A 66 -12.61 -11.80 4.91
CA PRO A 66 -12.37 -12.44 6.21
C PRO A 66 -11.84 -13.87 6.07
N ILE A 67 -11.02 -14.28 7.02
CA ILE A 67 -10.41 -15.60 6.95
C ILE A 67 -11.48 -16.69 6.99
N VAL A 68 -12.56 -16.45 7.74
CA VAL A 68 -13.64 -17.43 7.79
C VAL A 68 -14.29 -17.60 6.42
N GLU A 69 -14.25 -16.55 5.61
CA GLU A 69 -14.85 -16.57 4.28
C GLU A 69 -13.95 -17.33 3.30
N ALA A 70 -12.66 -17.00 3.33
CA ALA A 70 -11.66 -17.74 2.58
C ALA A 70 -11.73 -19.24 2.87
N LYS A 71 -11.88 -19.57 4.16
CA LYS A 71 -11.90 -20.96 4.62
C LYS A 71 -13.14 -21.73 4.09
N LYS A 72 -14.25 -21.01 3.98
CA LYS A 72 -15.48 -21.54 3.42
C LYS A 72 -15.32 -21.94 1.93
N ILE A 73 -14.55 -21.14 1.19
CA ILE A 73 -14.31 -21.33 -0.22
C ILE A 73 -13.20 -22.33 -0.47
N LEU A 74 -12.12 -22.24 0.32
CA LEU A 74 -11.00 -23.16 0.19
C LEU A 74 -10.61 -23.78 1.52
N PRO A 75 -11.45 -24.67 2.06
CA PRO A 75 -11.21 -25.31 3.36
C PRO A 75 -9.85 -26.03 3.48
N ASN A 76 -9.20 -26.36 2.36
CA ASN A 76 -7.95 -27.12 2.40
C ASN A 76 -6.74 -26.38 1.89
N ALA A 77 -6.89 -25.08 1.66
CA ALA A 77 -5.75 -24.25 1.31
C ALA A 77 -4.79 -24.22 2.49
N VAL A 78 -3.60 -23.67 2.29
CA VAL A 78 -2.64 -23.52 3.40
C VAL A 78 -2.72 -22.12 4.00
N TYR A 79 -3.00 -22.06 5.29
CA TYR A 79 -3.22 -20.77 5.95
C TYR A 79 -2.06 -20.39 6.87
N LEU A 80 -1.39 -19.30 6.52
CA LEU A 80 -0.20 -18.86 7.24
C LEU A 80 -0.39 -17.51 7.93
N PRO A 81 0.12 -17.37 9.15
CA PRO A 81 0.08 -16.05 9.77
C PRO A 81 1.10 -15.15 9.11
N MET A 82 0.74 -13.89 8.93
CA MET A 82 1.63 -12.91 8.33
C MET A 82 2.91 -12.68 9.16
N ARG A 83 4.05 -12.70 8.48
CA ARG A 83 5.33 -12.40 9.11
C ARG A 83 5.99 -11.19 8.43
N LYS A 84 5.48 -9.99 8.74
CA LYS A 84 5.85 -8.76 8.04
C LYS A 84 7.35 -8.50 7.97
N GLU A 85 8.01 -8.64 9.13
CA GLU A 85 9.45 -8.47 9.27
C GLU A 85 10.24 -9.29 8.24
N VAL A 86 9.88 -10.56 8.10
CA VAL A 86 10.54 -11.38 7.09
C VAL A 86 10.36 -10.85 5.68
N TYR A 87 9.12 -10.54 5.28
CA TYR A 87 8.90 -10.03 3.93
C TYR A 87 9.62 -8.69 3.75
N GLN A 88 9.71 -7.94 4.84
CA GLN A 88 10.39 -6.66 4.81
C GLN A 88 11.88 -6.82 4.55
N GLN A 89 12.51 -7.76 5.25
CA GLN A 89 13.93 -7.98 5.02
C GLN A 89 14.16 -8.50 3.62
N VAL A 90 13.26 -9.34 3.11
CA VAL A 90 13.44 -9.83 1.75
C VAL A 90 13.28 -8.66 0.79
N SER A 91 12.26 -7.83 1.05
CA SER A 91 12.02 -6.61 0.27
C SER A 91 13.28 -5.73 0.09
N SER A 92 13.94 -5.40 1.20
CA SER A 92 15.16 -4.59 1.19
C SER A 92 16.20 -5.15 0.23
N ARG A 93 16.47 -6.45 0.35
CA ARG A 93 17.43 -7.09 -0.54
C ARG A 93 17.09 -6.81 -1.99
N ILE A 94 15.82 -7.00 -2.34
CA ILE A 94 15.42 -6.81 -3.73
C ILE A 94 15.56 -5.36 -4.16
N MET A 95 15.18 -4.44 -3.27
CA MET A 95 15.38 -3.01 -3.55
C MET A 95 16.84 -2.70 -3.85
N ASN A 96 17.77 -3.27 -3.06
CA ASN A 96 19.19 -3.14 -3.36
C ASN A 96 19.58 -3.58 -4.78
N LEU A 97 19.07 -4.74 -5.22
CA LEU A 97 19.32 -5.20 -6.59
C LEU A 97 18.96 -4.15 -7.64
N LEU A 98 17.84 -3.46 -7.42
CA LEU A 98 17.33 -2.52 -8.40
C LEU A 98 18.16 -1.23 -8.42
N ARG A 99 18.80 -0.91 -7.29
CA ARG A 99 19.65 0.28 -7.22
C ARG A 99 20.85 0.17 -8.16
N GLU A 100 21.21 -1.06 -8.48
CA GLU A 100 22.36 -1.36 -9.34
C GLU A 100 21.98 -1.23 -10.80
N TYR A 101 20.75 -0.74 -11.02
CA TYR A 101 20.23 -0.54 -12.36
C TYR A 101 19.89 0.93 -12.58
N SER A 102 19.64 1.64 -11.49
CA SER A 102 19.56 3.10 -11.52
C SER A 102 19.74 3.70 -10.14
N GLU A 103 20.24 4.92 -10.09
CA GLU A 103 20.39 5.62 -8.82
C GLU A 103 19.06 6.24 -8.41
N LYS A 104 18.36 6.81 -9.39
CA LYS A 104 17.05 7.37 -9.15
C LYS A 104 16.03 6.24 -8.97
N ILE A 105 15.60 6.02 -7.73
CA ILE A 105 14.71 4.93 -7.40
C ILE A 105 13.69 5.39 -6.37
N GLU A 106 12.42 5.19 -6.70
CA GLU A 106 11.33 5.54 -5.79
C GLU A 106 10.72 4.27 -5.20
N ILE A 107 11.02 4.02 -3.94
CA ILE A 107 10.45 2.89 -3.21
C ILE A 107 9.03 3.27 -2.74
N ALA A 108 8.02 2.76 -3.42
CA ALA A 108 6.64 3.18 -3.19
C ALA A 108 5.97 2.39 -2.09
N SER A 109 6.21 1.09 -2.05
CA SER A 109 5.68 0.22 -1.01
C SER A 109 6.67 -0.87 -0.64
N ILE A 110 6.19 -1.88 0.06
CA ILE A 110 7.03 -3.02 0.39
C ILE A 110 7.37 -3.83 -0.85
N ASP A 111 6.56 -3.67 -1.91
CA ASP A 111 6.67 -4.50 -3.10
C ASP A 111 6.66 -3.71 -4.40
N GLU A 112 6.75 -2.39 -4.31
CA GLU A 112 6.67 -1.51 -5.48
C GLU A 112 7.87 -0.59 -5.54
N ALA A 113 8.49 -0.48 -6.70
CA ALA A 113 9.50 0.56 -6.92
C ALA A 113 9.50 1.07 -8.36
N TYR A 114 9.75 2.36 -8.52
CA TYR A 114 9.96 2.96 -9.83
C TYR A 114 11.45 3.26 -9.97
N LEU A 115 11.91 3.20 -11.21
CA LEU A 115 13.29 3.52 -11.54
C LEU A 115 13.26 4.51 -12.68
N ASP A 116 14.10 5.53 -12.61
CA ASP A 116 14.35 6.39 -13.77
C ASP A 116 15.53 5.79 -14.55
N ILE A 117 15.23 5.17 -15.68
CA ILE A 117 16.28 4.57 -16.49
C ILE A 117 16.47 5.35 -17.79
N SER A 118 16.17 6.65 -17.73
CA SER A 118 16.36 7.52 -18.90
C SER A 118 17.79 7.52 -19.41
N ASP A 119 18.77 7.73 -18.53
CA ASP A 119 20.17 7.72 -18.91
C ASP A 119 20.59 6.34 -19.42
N LYS A 120 20.32 5.31 -18.61
CA LYS A 120 20.85 3.97 -18.84
C LYS A 120 20.33 3.26 -20.10
N VAL A 121 19.43 3.89 -20.83
CA VAL A 121 18.74 3.20 -21.93
C VAL A 121 18.30 4.20 -23.01
N ARG A 122 18.11 3.71 -24.24
CA ARG A 122 17.85 4.61 -25.37
C ARG A 122 16.42 4.55 -25.91
N ASP A 123 15.76 3.40 -25.74
CA ASP A 123 14.35 3.30 -26.15
C ASP A 123 13.63 2.06 -25.59
N TYR A 124 12.42 1.82 -26.09
CA TYR A 124 11.57 0.78 -25.55
C TYR A 124 12.02 -0.64 -25.94
N ARG A 125 12.94 -0.75 -26.90
CA ARG A 125 13.60 -2.03 -27.14
C ARG A 125 14.54 -2.34 -25.99
N GLU A 126 15.44 -1.40 -25.70
CA GLU A 126 16.48 -1.60 -24.70
C GLU A 126 15.89 -1.73 -23.30
N ALA A 127 14.79 -1.01 -23.07
CA ALA A 127 14.12 -0.99 -21.78
C ALA A 127 13.51 -2.36 -21.48
N TYR A 128 12.90 -2.94 -22.51
CA TYR A 128 12.34 -4.28 -22.45
C TYR A 128 13.41 -5.29 -22.02
N ASN A 129 14.62 -5.14 -22.58
CA ASN A 129 15.77 -5.99 -22.26
C ASN A 129 16.22 -5.83 -20.82
N LEU A 130 16.40 -4.57 -20.42
CA LEU A 130 16.72 -4.26 -19.03
C LEU A 130 15.62 -4.79 -18.12
N GLY A 131 14.39 -4.75 -18.65
CA GLY A 131 13.26 -5.35 -17.98
C GLY A 131 13.59 -6.79 -17.63
N LEU A 132 13.82 -7.59 -18.66
CA LEU A 132 14.16 -9.02 -18.51
C LEU A 132 15.43 -9.22 -17.67
N GLU A 133 16.46 -8.40 -17.89
CA GLU A 133 17.68 -8.49 -17.10
C GLU A 133 17.29 -8.49 -15.63
N ILE A 134 16.45 -7.52 -15.24
CA ILE A 134 16.02 -7.33 -13.86
C ILE A 134 15.14 -8.47 -13.31
N LYS A 135 14.11 -8.85 -14.06
CA LYS A 135 13.25 -9.96 -13.68
C LYS A 135 14.10 -11.20 -13.45
N ASN A 136 15.05 -11.43 -14.36
CA ASN A 136 15.92 -12.57 -14.26
C ASN A 136 16.90 -12.49 -13.09
N LYS A 137 17.55 -11.36 -12.93
CA LYS A 137 18.43 -11.16 -11.78
C LYS A 137 17.70 -11.43 -10.45
N ILE A 138 16.50 -10.87 -10.29
CA ILE A 138 15.72 -11.01 -9.05
C ILE A 138 15.28 -12.46 -8.86
N LEU A 139 14.91 -13.11 -9.96
CA LEU A 139 14.58 -14.53 -9.93
C LEU A 139 15.82 -15.33 -9.54
N GLU A 140 16.97 -14.99 -10.13
CA GLU A 140 18.21 -15.70 -9.84
C GLU A 140 18.58 -15.53 -8.37
N LYS A 141 18.89 -14.28 -8.00
CA LYS A 141 19.38 -13.96 -6.66
C LYS A 141 18.39 -14.30 -5.54
N GLU A 142 17.10 -14.12 -5.80
CA GLU A 142 16.10 -14.22 -4.74
C GLU A 142 15.00 -15.27 -4.94
N LYS A 143 14.90 -15.80 -6.16
CA LYS A 143 13.90 -16.81 -6.49
C LYS A 143 12.50 -16.21 -6.40
N ILE A 144 12.41 -14.94 -6.76
CA ILE A 144 11.16 -14.18 -6.68
C ILE A 144 10.77 -13.64 -8.06
N THR A 145 9.55 -13.96 -8.49
CA THR A 145 9.03 -13.39 -9.72
C THR A 145 8.36 -12.04 -9.46
N VAL A 146 8.52 -11.14 -10.42
CA VAL A 146 7.97 -9.78 -10.38
C VAL A 146 7.33 -9.45 -11.73
N THR A 147 6.52 -8.38 -11.77
CA THR A 147 5.99 -7.90 -13.05
C THR A 147 6.63 -6.55 -13.33
N VAL A 148 6.90 -6.26 -14.60
CA VAL A 148 7.54 -5.01 -14.96
C VAL A 148 6.70 -4.23 -15.95
N GLY A 149 6.49 -2.95 -15.66
CA GLY A 149 5.79 -2.03 -16.54
C GLY A 149 6.70 -0.88 -16.92
N ILE A 150 6.73 -0.54 -18.21
CA ILE A 150 7.63 0.49 -18.75
C ILE A 150 6.86 1.47 -19.62
N SER A 151 7.00 2.76 -19.32
CA SER A 151 6.33 3.80 -20.09
C SER A 151 6.98 5.16 -19.88
N LYS A 152 6.30 6.21 -20.33
CA LYS A 152 6.89 7.56 -20.35
C LYS A 152 6.83 8.29 -19.00
N ASN A 153 6.02 7.79 -18.07
CA ASN A 153 5.90 8.35 -16.73
C ASN A 153 5.46 7.28 -15.75
N LYS A 154 5.52 7.59 -14.46
CA LYS A 154 5.18 6.64 -13.40
C LYS A 154 3.81 6.01 -13.56
N VAL A 155 2.78 6.85 -13.72
CA VAL A 155 1.42 6.39 -13.75
C VAL A 155 1.25 5.29 -14.77
N PHE A 156 1.66 5.54 -16.00
CA PHE A 156 1.56 4.52 -17.05
C PHE A 156 2.46 3.29 -16.84
N ALA A 157 3.67 3.50 -16.33
CA ALA A 157 4.54 2.39 -15.96
C ALA A 157 3.76 1.42 -15.06
N LYS A 158 3.06 1.98 -14.07
CA LYS A 158 2.27 1.19 -13.15
C LYS A 158 1.08 0.54 -13.85
N ILE A 159 0.45 1.26 -14.78
CA ILE A 159 -0.70 0.69 -15.47
C ILE A 159 -0.27 -0.51 -16.32
N ALA A 160 0.86 -0.36 -17.00
CA ALA A 160 1.48 -1.43 -17.75
C ALA A 160 1.63 -2.65 -16.87
N ALA A 161 2.27 -2.50 -15.71
CA ALA A 161 2.42 -3.62 -14.78
C ALA A 161 1.07 -4.27 -14.45
N ASP A 162 0.07 -3.47 -14.08
CA ASP A 162 -1.26 -4.02 -13.76
C ASP A 162 -1.82 -4.87 -14.90
N MET A 163 -1.60 -4.42 -16.12
CA MET A 163 -2.08 -5.16 -17.27
C MET A 163 -1.36 -6.51 -17.40
N ALA A 164 -0.06 -6.53 -17.07
CA ALA A 164 0.81 -7.64 -17.43
C ALA A 164 1.00 -8.70 -16.35
N LYS A 165 0.31 -8.56 -15.22
CA LYS A 165 0.58 -9.43 -14.08
C LYS A 165 -0.29 -10.69 -14.06
N PRO A 166 0.27 -11.81 -13.52
CA PRO A 166 1.59 -11.85 -12.88
C PRO A 166 2.71 -12.30 -13.81
N ASN A 167 3.94 -12.25 -13.29
CA ASN A 167 5.13 -12.68 -14.05
C ASN A 167 5.17 -12.14 -15.48
N GLY A 168 4.73 -10.90 -15.66
CA GLY A 168 4.74 -10.27 -16.96
C GLY A 168 5.78 -9.19 -17.11
N ILE A 169 5.89 -8.66 -18.32
CA ILE A 169 6.63 -7.42 -18.60
C ILE A 169 5.96 -6.76 -19.80
N LYS A 170 5.69 -5.45 -19.70
CA LYS A 170 4.84 -4.79 -20.67
C LYS A 170 5.28 -3.36 -20.93
N VAL A 171 5.20 -2.96 -22.19
CA VAL A 171 5.53 -1.60 -22.56
C VAL A 171 4.29 -0.88 -23.11
N ILE A 172 4.01 0.28 -22.53
CA ILE A 172 3.02 1.19 -23.06
C ILE A 172 3.81 2.36 -23.65
N ASP A 173 3.86 2.42 -24.99
CA ASP A 173 4.72 3.36 -25.71
C ASP A 173 4.29 4.84 -25.64
N ASP A 174 3.77 5.36 -26.74
CA ASP A 174 3.20 6.70 -26.80
C ASP A 174 1.85 6.56 -27.47
N GLU A 175 1.83 5.75 -28.52
CA GLU A 175 0.62 5.46 -29.26
C GLU A 175 -0.40 4.81 -28.33
N GLU A 176 0.08 3.93 -27.45
CA GLU A 176 -0.81 3.27 -26.50
C GLU A 176 -1.26 4.24 -25.43
N VAL A 177 -0.35 5.09 -24.97
CA VAL A 177 -0.68 6.12 -23.98
C VAL A 177 -1.88 6.91 -24.48
N LYS A 178 -1.75 7.44 -25.70
CA LYS A 178 -2.84 8.15 -26.35
C LYS A 178 -4.08 7.28 -26.53
N ARG A 179 -3.89 5.98 -26.74
CA ARG A 179 -5.04 5.09 -26.87
C ARG A 179 -5.76 4.91 -25.54
N LEU A 180 -4.97 4.65 -24.50
CA LEU A 180 -5.50 4.41 -23.15
C LEU A 180 -6.13 5.66 -22.53
N ILE A 181 -5.68 6.84 -22.94
CA ILE A 181 -6.29 8.07 -22.49
C ILE A 181 -7.77 8.11 -22.92
N ARG A 182 -8.05 7.53 -24.09
CA ARG A 182 -9.41 7.39 -24.57
C ARG A 182 -10.03 6.06 -24.14
N GLU A 183 -9.23 5.01 -24.22
CA GLU A 183 -9.68 3.66 -23.96
C GLU A 183 -9.87 3.31 -22.47
N LEU A 184 -8.86 3.60 -21.64
CA LEU A 184 -8.83 3.09 -20.27
C LEU A 184 -9.94 3.61 -19.37
N ASP A 185 -10.59 2.68 -18.68
CA ASP A 185 -11.56 3.03 -17.67
C ASP A 185 -10.86 3.80 -16.56
N ILE A 186 -11.44 4.93 -16.19
CA ILE A 186 -10.74 5.86 -15.29
C ILE A 186 -10.55 5.25 -13.91
N ALA A 187 -11.40 4.27 -13.57
CA ALA A 187 -11.29 3.54 -12.32
C ALA A 187 -9.98 2.79 -12.26
N ASP A 188 -9.47 2.38 -13.42
CA ASP A 188 -8.24 1.61 -13.46
C ASP A 188 -6.99 2.51 -13.43
N VAL A 189 -7.21 3.80 -13.19
CA VAL A 189 -6.13 4.77 -13.03
C VAL A 189 -5.70 4.89 -11.57
N PRO A 190 -4.41 4.65 -11.28
CA PRO A 190 -3.85 4.72 -9.92
C PRO A 190 -4.25 5.99 -9.20
N GLY A 191 -4.82 5.84 -8.01
CA GLY A 191 -5.17 6.99 -7.20
C GLY A 191 -6.66 7.21 -7.23
N ILE A 192 -7.36 6.32 -7.95
CA ILE A 192 -8.80 6.42 -8.14
C ILE A 192 -9.54 5.22 -7.54
N GLY A 193 -9.96 5.38 -6.28
CA GLY A 193 -10.60 4.30 -5.55
C GLY A 193 -12.07 4.23 -5.88
N ASN A 194 -12.84 3.47 -5.12
CA ASN A 194 -14.28 3.37 -5.38
C ASN A 194 -14.99 4.70 -5.18
N ILE A 195 -14.50 5.50 -4.24
CA ILE A 195 -15.16 6.73 -3.87
C ILE A 195 -14.97 7.79 -4.93
N THR A 196 -13.77 7.88 -5.48
CA THR A 196 -13.55 8.83 -6.56
C THR A 196 -14.19 8.34 -7.87
N ALA A 197 -14.09 7.04 -8.15
CA ALA A 197 -14.68 6.49 -9.38
C ALA A 197 -16.18 6.76 -9.49
N GLU A 198 -16.90 6.59 -8.38
CA GLU A 198 -18.33 6.92 -8.34
C GLU A 198 -18.60 8.42 -8.49
N LYS A 199 -17.69 9.24 -7.96
CA LYS A 199 -17.90 10.68 -8.04
C LYS A 199 -17.63 11.16 -9.46
N LEU A 200 -16.87 10.38 -10.21
CA LEU A 200 -16.55 10.73 -11.58
C LEU A 200 -17.65 10.24 -12.51
N LYS A 201 -18.28 9.12 -12.15
CA LYS A 201 -19.43 8.61 -12.91
C LYS A 201 -20.55 9.65 -12.94
N LYS A 202 -20.88 10.18 -11.77
CA LYS A 202 -21.88 11.24 -11.65
C LYS A 202 -21.58 12.48 -12.49
N LEU A 203 -20.34 12.65 -12.91
CA LEU A 203 -19.99 13.79 -13.76
C LEU A 203 -19.84 13.34 -15.20
N GLY A 204 -20.09 12.06 -15.47
CA GLY A 204 -19.97 11.55 -16.82
C GLY A 204 -18.56 11.17 -17.23
N ILE A 205 -17.60 11.41 -16.36
CA ILE A 205 -16.24 10.96 -16.61
C ILE A 205 -16.17 9.45 -16.41
N ASN A 206 -15.95 8.71 -17.49
CA ASN A 206 -15.82 7.26 -17.44
C ASN A 206 -14.50 6.84 -18.06
N LYS A 207 -13.92 7.76 -18.84
CA LYS A 207 -12.61 7.57 -19.44
C LYS A 207 -11.79 8.81 -19.14
N LEU A 208 -10.47 8.67 -19.16
CA LEU A 208 -9.57 9.76 -18.79
C LEU A 208 -9.83 11.00 -19.62
N VAL A 209 -10.18 10.80 -20.90
CA VAL A 209 -10.36 11.92 -21.82
C VAL A 209 -11.55 12.80 -21.45
N ASP A 210 -12.62 12.19 -20.95
CA ASP A 210 -13.79 12.95 -20.49
C ASP A 210 -13.44 14.08 -19.50
N THR A 211 -12.31 13.99 -18.80
CA THR A 211 -11.92 15.03 -17.84
C THR A 211 -11.79 16.41 -18.49
N LEU A 212 -11.64 16.43 -19.81
CA LEU A 212 -11.46 17.68 -20.54
C LEU A 212 -12.79 18.33 -20.91
N SER A 213 -13.87 17.53 -20.85
CA SER A 213 -15.22 18.01 -21.17
C SER A 213 -15.89 18.61 -19.93
N ILE A 214 -15.09 19.11 -19.00
CA ILE A 214 -15.65 19.64 -17.75
C ILE A 214 -15.06 20.99 -17.41
N GLU A 215 -15.83 21.82 -16.70
CA GLU A 215 -15.27 23.03 -16.13
C GLU A 215 -14.35 22.62 -14.98
N PHE A 216 -13.09 23.04 -15.06
CA PHE A 216 -12.12 22.71 -14.02
C PHE A 216 -12.63 22.92 -12.59
N ASP A 217 -13.41 23.96 -12.37
CA ASP A 217 -13.85 24.20 -11.00
C ASP A 217 -14.92 23.22 -10.54
N LYS A 218 -15.68 22.67 -11.49
CA LYS A 218 -16.67 21.64 -11.13
C LYS A 218 -15.95 20.36 -10.73
N LEU A 219 -14.86 20.06 -11.42
CA LEU A 219 -13.98 18.95 -11.06
C LEU A 219 -13.37 19.18 -9.68
N LYS A 220 -12.63 20.27 -9.52
CA LYS A 220 -12.10 20.66 -8.21
C LYS A 220 -13.19 20.63 -7.16
N GLY A 221 -14.39 21.03 -7.55
CA GLY A 221 -15.50 21.12 -6.61
C GLY A 221 -15.88 19.76 -6.08
N MET A 222 -15.73 18.74 -6.92
CA MET A 222 -16.13 17.38 -6.58
C MET A 222 -14.99 16.55 -5.97
N ILE A 223 -13.97 16.28 -6.77
CA ILE A 223 -12.91 15.37 -6.35
C ILE A 223 -11.74 16.07 -5.66
N GLY A 224 -11.78 17.40 -5.61
CA GLY A 224 -10.71 18.16 -4.99
C GLY A 224 -9.70 18.63 -6.02
N GLU A 225 -8.97 19.69 -5.70
CA GLU A 225 -8.06 20.34 -6.63
C GLU A 225 -6.92 19.46 -7.11
N ALA A 226 -6.18 18.90 -6.15
CA ALA A 226 -4.97 18.13 -6.45
C ALA A 226 -5.27 16.93 -7.37
N LYS A 227 -6.32 16.19 -7.04
CA LYS A 227 -6.71 15.03 -7.80
C LYS A 227 -7.27 15.45 -9.17
N ALA A 228 -7.81 16.66 -9.23
CA ALA A 228 -8.30 17.23 -10.48
C ALA A 228 -7.14 17.59 -11.40
N LYS A 229 -6.08 18.19 -10.85
CA LYS A 229 -4.92 18.53 -11.68
C LYS A 229 -4.22 17.26 -12.16
N TYR A 230 -4.01 16.32 -11.24
CA TYR A 230 -3.54 14.97 -11.55
C TYR A 230 -4.19 14.38 -12.81
N LEU A 231 -5.51 14.22 -12.76
CA LEU A 231 -6.27 13.66 -13.86
C LEU A 231 -6.13 14.44 -15.18
N ILE A 232 -6.24 15.78 -15.09
CA ILE A 232 -6.12 16.64 -16.27
C ILE A 232 -4.77 16.51 -16.97
N SER A 233 -3.68 16.58 -16.19
CA SER A 233 -2.35 16.42 -16.77
C SER A 233 -2.16 15.06 -17.44
N LEU A 234 -2.72 14.02 -16.83
CA LEU A 234 -2.66 12.69 -17.42
C LEU A 234 -3.36 12.68 -18.76
N ALA A 235 -4.61 13.15 -18.80
CA ALA A 235 -5.40 13.16 -20.04
C ALA A 235 -4.76 14.01 -21.14
N ARG A 236 -3.94 14.98 -20.73
CA ARG A 236 -3.25 15.88 -21.66
C ARG A 236 -1.88 15.33 -22.10
N ASP A 237 -1.62 14.05 -21.87
CA ASP A 237 -0.28 13.46 -22.11
C ASP A 237 0.83 14.31 -21.48
N GLU A 238 0.48 15.02 -20.42
CA GLU A 238 1.35 16.04 -19.86
C GLU A 238 1.91 15.68 -18.48
N TYR A 239 1.43 14.57 -17.90
CA TYR A 239 1.87 14.14 -16.55
C TYR A 239 3.34 13.73 -16.57
N ASN A 240 4.13 14.29 -15.66
CA ASN A 240 5.57 14.17 -15.80
C ASN A 240 6.31 14.26 -14.46
N GLU A 241 5.66 13.82 -13.39
CA GLU A 241 6.27 13.90 -12.06
C GLU A 241 7.51 13.03 -11.97
N PRO A 242 8.46 13.42 -11.11
CA PRO A 242 9.76 12.75 -11.15
C PRO A 242 9.90 11.65 -10.07
N ILE A 243 10.89 10.78 -10.27
CA ILE A 243 11.19 9.68 -9.34
C ILE A 243 12.01 10.23 -8.18
N ARG A 244 11.49 10.10 -6.96
CA ARG A 244 12.11 10.73 -5.79
C ARG A 244 12.18 9.80 -4.57
N THR A 245 13.24 9.93 -3.78
CA THR A 245 13.38 9.22 -2.52
C THR A 245 12.20 9.55 -1.59
N ARG A 246 11.39 8.55 -1.23
CA ARG A 246 10.30 8.83 -0.29
C ARG A 246 10.79 8.74 1.15
N VAL A 247 10.38 9.71 1.97
CA VAL A 247 10.85 9.77 3.36
C VAL A 247 9.81 9.26 4.36
N ARG A 248 10.25 8.43 5.31
CA ARG A 248 9.43 8.03 6.45
C ARG A 248 9.00 9.28 7.23
N LYS A 249 7.71 9.57 7.25
CA LYS A 249 7.26 10.78 7.92
C LYS A 249 6.46 10.44 9.17
N SER A 250 6.03 9.19 9.26
CA SER A 250 5.17 8.73 10.34
C SER A 250 5.39 7.25 10.68
N ILE A 251 5.33 6.92 11.96
CA ILE A 251 5.48 5.52 12.42
C ILE A 251 4.41 5.26 13.46
N GLY A 252 3.84 4.06 13.46
CA GLY A 252 2.80 3.74 14.41
C GLY A 252 2.39 2.30 14.33
N ARG A 253 1.37 1.96 15.09
CA ARG A 253 0.92 0.58 15.19
C ARG A 253 -0.43 0.56 15.88
N ILE A 254 -1.39 -0.13 15.27
CA ILE A 254 -2.74 -0.22 15.81
C ILE A 254 -3.10 -1.67 16.01
N VAL A 255 -3.69 -1.98 17.17
CA VAL A 255 -4.00 -3.38 17.48
C VAL A 255 -5.48 -3.60 17.73
N THR A 256 -5.91 -4.84 17.52
CA THR A 256 -7.32 -5.22 17.67
C THR A 256 -7.50 -5.82 19.06
N MET A 257 -8.49 -5.30 19.79
CA MET A 257 -8.79 -5.80 21.13
C MET A 257 -9.67 -7.03 21.04
N LYS A 258 -9.55 -7.93 22.02
CA LYS A 258 -10.32 -9.16 22.03
C LYS A 258 -11.83 -8.89 22.00
N ARG A 259 -12.26 -7.88 22.76
CA ARG A 259 -13.66 -7.49 22.81
C ARG A 259 -13.71 -5.98 22.65
N ASN A 260 -14.72 -5.47 21.96
CA ASN A 260 -14.97 -4.04 21.93
C ASN A 260 -15.21 -3.56 23.36
N SER A 261 -14.76 -2.35 23.68
CA SER A 261 -14.83 -1.89 25.07
C SER A 261 -14.84 -0.38 25.16
N ARG A 262 -15.30 0.14 26.30
CA ARG A 262 -15.20 1.57 26.61
C ARG A 262 -14.52 1.81 27.96
N ASN A 263 -14.29 0.74 28.72
CA ASN A 263 -13.54 0.87 29.96
C ASN A 263 -12.06 1.23 29.73
N LEU A 264 -11.64 2.31 30.37
CA LEU A 264 -10.29 2.81 30.22
C LEU A 264 -9.19 1.80 30.58
N GLU A 265 -9.39 1.07 31.68
CA GLU A 265 -8.37 0.14 32.15
C GLU A 265 -8.34 -1.13 31.30
N GLU A 266 -9.37 -1.31 30.48
CA GLU A 266 -9.46 -2.48 29.62
C GLU A 266 -8.73 -2.17 28.32
N ILE A 267 -8.74 -0.90 27.94
CA ILE A 267 -8.14 -0.46 26.68
C ILE A 267 -6.64 -0.17 26.83
N LYS A 268 -6.22 0.31 27.99
CA LYS A 268 -4.84 0.73 28.23
C LYS A 268 -3.73 -0.27 27.82
N PRO A 269 -3.86 -1.54 28.22
CA PRO A 269 -2.74 -2.45 27.89
C PRO A 269 -2.52 -2.64 26.39
N TYR A 270 -3.59 -2.65 25.62
CA TYR A 270 -3.45 -2.69 24.18
C TYR A 270 -2.74 -1.43 23.70
N LEU A 271 -3.17 -0.30 24.25
CA LEU A 271 -2.60 1.00 23.90
C LEU A 271 -1.12 1.05 24.29
N PHE A 272 -0.79 0.48 25.44
CA PHE A 272 0.60 0.49 25.89
C PHE A 272 1.46 -0.38 25.03
N ARG A 273 0.93 -1.54 24.65
CA ARG A 273 1.63 -2.44 23.74
C ARG A 273 1.89 -1.76 22.42
N ALA A 274 0.86 -1.06 21.92
CA ALA A 274 0.97 -0.27 20.69
C ALA A 274 2.07 0.77 20.78
N ILE A 275 2.16 1.46 21.91
CA ILE A 275 3.22 2.44 22.11
C ILE A 275 4.59 1.78 22.11
N GLU A 276 4.69 0.68 22.85
CA GLU A 276 5.93 -0.08 22.95
C GLU A 276 6.49 -0.52 21.59
N GLU A 277 5.66 -1.20 20.81
CA GLU A 277 6.07 -1.65 19.49
C GLU A 277 6.46 -0.46 18.61
N SER A 278 5.72 0.63 18.77
CA SER A 278 6.00 1.84 17.99
C SER A 278 7.34 2.45 18.34
N TYR A 279 7.69 2.50 19.62
CA TYR A 279 8.95 3.11 20.02
C TYR A 279 10.16 2.32 19.56
N TYR A 280 10.03 0.99 19.62
CA TYR A 280 11.03 0.10 19.05
C TYR A 280 11.22 0.41 17.58
N LYS A 281 10.12 0.51 16.84
CA LYS A 281 10.20 0.77 15.40
C LYS A 281 10.83 2.14 15.09
N LEU A 282 10.78 3.06 16.04
CA LEU A 282 11.33 4.39 15.81
C LEU A 282 12.83 4.32 15.57
N ASP A 283 13.52 3.50 16.36
CA ASP A 283 14.98 3.30 16.25
C ASP A 283 15.79 4.59 16.10
N LYS A 284 15.99 5.29 17.22
CA LYS A 284 16.79 6.51 17.29
C LYS A 284 16.11 7.71 16.64
N ARG A 285 14.93 7.48 16.07
CA ARG A 285 14.10 8.58 15.60
C ARG A 285 13.30 9.21 16.74
N ILE A 286 13.18 10.53 16.73
CA ILE A 286 12.51 11.24 17.82
C ILE A 286 11.35 12.11 17.31
N PRO A 287 10.12 11.72 17.65
CA PRO A 287 8.92 12.39 17.18
C PRO A 287 8.47 13.52 18.12
N LYS A 288 7.88 14.56 17.54
CA LYS A 288 7.34 15.66 18.32
C LYS A 288 5.82 15.61 18.28
N ALA A 289 5.28 14.59 17.62
CA ALA A 289 3.84 14.42 17.49
C ALA A 289 3.35 13.01 17.82
N ILE A 290 2.28 12.94 18.61
CA ILE A 290 1.62 11.69 18.90
C ILE A 290 0.16 11.83 18.52
N HIS A 291 -0.39 10.76 17.96
CA HIS A 291 -1.82 10.69 17.64
C HIS A 291 -2.32 9.38 18.17
N VAL A 292 -3.45 9.40 18.86
CA VAL A 292 -4.09 8.16 19.28
C VAL A 292 -5.24 7.90 18.32
N VAL A 293 -5.24 6.71 17.74
CA VAL A 293 -6.19 6.35 16.71
C VAL A 293 -7.05 5.19 17.22
N ALA A 294 -8.34 5.30 16.98
CA ALA A 294 -9.29 4.29 17.42
C ALA A 294 -10.26 3.94 16.31
N VAL A 295 -10.47 2.64 16.12
CA VAL A 295 -11.50 2.18 15.21
C VAL A 295 -12.72 1.81 16.05
N THR A 296 -13.81 2.54 15.82
CA THR A 296 -15.05 2.30 16.57
C THR A 296 -15.70 0.99 16.15
N GLU A 297 -16.78 0.62 16.83
CA GLU A 297 -17.42 -0.67 16.60
C GLU A 297 -18.14 -0.75 15.25
N ASP A 298 -18.62 0.38 14.75
CA ASP A 298 -19.18 0.45 13.40
C ASP A 298 -18.08 0.74 12.35
N LEU A 299 -16.85 0.38 12.70
CA LEU A 299 -15.68 0.52 11.85
C LEU A 299 -15.41 1.93 11.33
N ASP A 300 -15.76 2.94 12.12
CA ASP A 300 -15.39 4.32 11.81
C ASP A 300 -14.09 4.63 12.57
N ILE A 301 -13.34 5.62 12.11
CA ILE A 301 -12.02 5.93 12.66
C ILE A 301 -11.94 7.32 13.28
N VAL A 302 -11.69 7.37 14.59
CA VAL A 302 -11.53 8.62 15.35
C VAL A 302 -10.08 8.81 15.83
N SER A 303 -9.55 10.02 15.69
CA SER A 303 -8.22 10.29 16.20
C SER A 303 -8.09 11.61 16.97
N ARG A 304 -7.36 11.59 18.09
CA ARG A 304 -7.02 12.80 18.83
C ARG A 304 -5.52 12.85 18.96
N GLY A 305 -4.93 14.03 18.74
CA GLY A 305 -3.49 14.16 18.78
C GLY A 305 -2.93 15.45 19.38
N ARG A 306 -1.61 15.54 19.42
CA ARG A 306 -0.94 16.69 19.99
C ARG A 306 0.52 16.81 19.51
N THR A 307 0.90 18.01 19.10
CA THR A 307 2.28 18.29 18.71
C THR A 307 3.01 19.03 19.82
N PHE A 308 4.22 18.58 20.14
CA PHE A 308 5.01 19.20 21.19
C PHE A 308 6.08 20.11 20.58
N PRO A 309 6.64 21.02 21.42
CA PRO A 309 7.73 21.88 20.94
C PRO A 309 9.08 21.19 21.14
N HIS A 310 9.05 19.95 21.62
CA HIS A 310 10.27 19.15 21.79
C HIS A 310 9.91 17.74 21.40
N GLY A 311 10.87 16.81 21.43
CA GLY A 311 10.57 15.41 21.19
C GLY A 311 9.73 14.76 22.29
N ILE A 312 9.28 13.52 22.08
CA ILE A 312 8.48 12.82 23.08
C ILE A 312 9.20 11.61 23.64
N SER A 313 9.42 11.60 24.94
CA SER A 313 10.05 10.47 25.58
C SER A 313 8.98 9.40 25.72
N LYS A 314 9.42 8.13 25.79
CA LYS A 314 8.51 7.03 26.05
C LYS A 314 7.60 7.36 27.24
N GLU A 315 8.18 7.87 28.32
CA GLU A 315 7.39 8.20 29.50
C GLU A 315 6.29 9.23 29.17
N THR A 316 6.63 10.24 28.39
CA THR A 316 5.69 11.29 28.01
C THR A 316 4.57 10.73 27.17
N ALA A 317 4.91 9.85 26.24
CA ALA A 317 3.94 9.21 25.33
C ALA A 317 2.92 8.37 26.07
N TYR A 318 3.38 7.66 27.10
CA TYR A 318 2.46 6.89 27.92
C TYR A 318 1.39 7.78 28.52
N SER A 319 1.83 8.85 29.16
CA SER A 319 0.91 9.71 29.89
C SER A 319 0.03 10.50 28.93
N GLU A 320 0.59 10.98 27.82
CA GLU A 320 -0.21 11.78 26.89
C GLU A 320 -1.21 10.94 26.13
N SER A 321 -0.86 9.69 25.88
CA SER A 321 -1.72 8.85 25.07
C SER A 321 -3.00 8.55 25.83
N VAL A 322 -2.88 8.48 27.15
CA VAL A 322 -4.04 8.20 27.98
C VAL A 322 -4.97 9.42 28.01
N LYS A 323 -4.39 10.62 27.99
CA LYS A 323 -5.23 11.82 27.90
C LYS A 323 -6.04 11.80 26.59
N LEU A 324 -5.36 11.63 25.46
CA LEU A 324 -5.99 11.54 24.15
C LEU A 324 -7.01 10.39 24.05
N LEU A 325 -6.71 9.26 24.68
CA LEU A 325 -7.66 8.17 24.69
C LEU A 325 -8.91 8.61 25.43
N GLN A 326 -8.72 9.46 26.44
CA GLN A 326 -9.80 9.90 27.32
C GLN A 326 -10.67 10.92 26.64
N LYS A 327 -10.04 11.76 25.82
CA LYS A 327 -10.73 12.71 24.97
C LYS A 327 -11.67 11.96 24.03
N ILE A 328 -11.12 10.96 23.36
CA ILE A 328 -11.89 10.10 22.44
C ILE A 328 -13.14 9.53 23.09
N LEU A 329 -12.97 8.83 24.22
CA LEU A 329 -14.12 8.35 24.98
C LEU A 329 -15.12 9.47 25.35
N GLU A 330 -14.59 10.60 25.84
CA GLU A 330 -15.42 11.74 26.21
C GLU A 330 -16.24 12.29 25.02
N GLU A 331 -15.70 12.15 23.81
CA GLU A 331 -16.29 12.81 22.65
C GLU A 331 -17.00 11.88 21.66
N ASP A 332 -16.81 10.58 21.83
CA ASP A 332 -17.46 9.59 20.97
C ASP A 332 -18.11 8.55 21.87
N GLU A 333 -19.39 8.29 21.62
CA GLU A 333 -20.17 7.42 22.48
C GLU A 333 -20.04 5.92 22.17
N ARG A 334 -19.55 5.60 20.97
CA ARG A 334 -19.42 4.20 20.55
C ARG A 334 -18.31 3.41 21.28
N LYS A 335 -18.35 2.09 21.13
CA LYS A 335 -17.29 1.25 21.68
C LYS A 335 -16.06 1.28 20.76
N ILE A 336 -14.90 0.96 21.34
CA ILE A 336 -13.65 0.92 20.60
C ILE A 336 -13.37 -0.51 20.16
N ARG A 337 -13.15 -0.72 18.87
CA ARG A 337 -12.79 -2.04 18.33
C ARG A 337 -11.27 -2.20 18.25
N ARG A 338 -10.61 -1.20 17.67
CA ARG A 338 -9.15 -1.21 17.53
C ARG A 338 -8.57 0.08 18.14
N ILE A 339 -7.42 -0.04 18.80
CA ILE A 339 -6.76 1.13 19.40
C ILE A 339 -5.25 1.18 19.06
N GLY A 340 -4.66 2.38 19.03
CA GLY A 340 -3.24 2.53 18.77
C GLY A 340 -2.75 3.96 18.58
N VAL A 341 -1.49 4.07 18.12
CA VAL A 341 -0.78 5.35 18.06
C VAL A 341 -0.04 5.56 16.74
N ARG A 342 0.18 6.83 16.39
CA ARG A 342 1.16 7.20 15.36
C ARG A 342 2.08 8.23 16.00
N PHE A 343 3.36 8.14 15.67
CA PHE A 343 4.29 9.21 15.95
C PHE A 343 4.75 9.86 14.65
N SER A 344 5.00 11.16 14.71
CA SER A 344 5.37 11.95 13.52
C SER A 344 6.08 13.27 13.91
N LYS A 345 6.50 14.01 12.89
CA LYS A 345 7.30 15.24 13.05
C LYS A 345 8.67 15.00 13.73
N PHE A 346 9.38 14.00 13.22
CA PHE A 346 10.71 13.67 13.68
C PHE A 346 11.67 14.83 13.56
N ILE A 347 12.49 15.00 14.59
CA ILE A 347 13.63 15.91 14.57
C ILE A 347 14.62 15.52 13.47
C HN1 B 2 -4.33 -1.41 1.77
P HN1 B 2 -4.39 -5.83 13.28
C1 HN1 B 2 -5.48 -1.87 2.49
N1 HN1 B 2 -5.16 -2.27 3.85
C2 HN1 B 2 -3.95 -2.46 4.41
N2 HN1 B 2 -2.84 -2.34 3.58
C3 HN1 B 2 -3.03 -1.56 2.41
N3 HN1 B 2 -3.84 -2.61 5.78
C4 HN1 B 2 -4.97 -2.57 6.63
C5 HN1 B 2 -6.23 -2.37 6.07
C6 HN1 B 2 -6.35 -2.21 4.67
O6 HN1 B 2 -7.65 -2.02 4.17
N7 HN1 B 2 -7.14 -2.37 7.12
C8 HN1 B 2 -6.45 -2.56 8.28
N9 HN1 B 2 -5.14 -2.68 8.00
C1' HN1 B 2 -3.62 -2.92 8.79
O11 HN1 B 2 -6.60 -2.37 1.76
OP1 HN1 B 2 -3.97 -6.89 14.39
C2' HN1 B 2 -3.75 -2.00 10.00
C3' HN1 B 2 -2.70 -2.62 10.91
O3' HN1 B 2 -1.51 -1.99 10.59
C4' HN1 B 2 -2.60 -4.07 10.44
O4' HN1 B 2 -3.58 -4.20 9.38
C5' HN1 B 2 -2.86 -5.10 11.50
O5' HN1 B 2 -3.09 -5.18 12.62
OP2 HN1 B 2 -5.40 -4.85 13.87
PG DTP D . -0.02 -8.78 -7.03
O1G DTP D . 0.57 -9.67 -8.13
O2G DTP D . -1.55 -8.83 -6.99
O3G DTP D . 0.38 -7.36 -7.36
PB DTP D . 0.46 -8.61 -4.28
O1B DTP D . -0.09 -9.55 -3.22
O2B DTP D . 1.87 -8.31 -3.86
O3B DTP D . 0.55 -9.34 -5.66
PA DTP D . -0.05 -5.86 -4.06
O1A DTP D . -1.32 -5.08 -4.31
O2A DTP D . 1.09 -5.24 -4.86
O3A DTP D . -0.41 -7.32 -4.51
O5' DTP D . 0.33 -5.80 -2.52
C5' DTP D . 1.65 -6.01 -2.02
C4' DTP D . 1.83 -6.67 -0.76
O4' DTP D . 1.30 -5.82 0.30
C3' DTP D . 1.06 -7.93 -0.68
O3' DTP D . 1.74 -9.05 -1.13
C2' DTP D . 0.69 -8.00 0.75
C1' DTP D . 0.41 -6.56 1.11
N9 DTP D . -1.01 -6.21 0.94
C8 DTP D . -1.62 -5.86 -0.21
N7 DTP D . -2.93 -5.63 0.00
C5 DTP D . -3.20 -5.85 1.31
C6 DTP D . -4.34 -5.78 2.13
N6 DTP D . -5.62 -5.41 1.58
N1 DTP D . -4.23 -6.08 3.43
C2 DTP D . -3.05 -6.42 3.96
N3 DTP D . -1.92 -6.50 3.22
C4 DTP D . -1.97 -6.22 1.91
CA CA E . 3.02 -6.96 -6.39
CA CA F . -9.03 1.25 -8.82
#